data_1DLQ
#
_entry.id   1DLQ
#
_cell.length_a   52.700
_cell.length_b   87.600
_cell.length_c   84.000
_cell.angle_alpha   90.00
_cell.angle_beta   96.50
_cell.angle_gamma   90.00
#
_symmetry.space_group_name_H-M   'P 1 21 1'
#
loop_
_entity.id
_entity.type
_entity.pdbx_description
1 polymer 'CATECHOL 1,2-DIOXYGENASE'
2 non-polymer 'FE (III) ION'
3 non-polymer 'MERCURY (II) ION'
4 non-polymer '[1-PENTADECANOYL-2-DECANOYL-GLYCEROL-3-YL]PHOSPHONYL CHOLINE'
5 water water
#
_entity_poly.entity_id   1
_entity_poly.type   'polypeptide(L)'
_entity_poly.pdbx_seq_one_letter_code
;MEVKIFNTQDVQDFLRVASGLEQEGGNPRVKQIIHRVLSDLYKAIEDLNITSDEYWAGVAYLNQLGANQEAGLLSPGLGF
DHYLDMRMDAEDAALGIENATPRTIEGPLYVAGAPESVGYARMDDGSDPNGHTLILHGTIFDADGKPLPNAKVEIWHANT
KGFYSHFDPTGEQQAFNMRRSIITDENGQYRVRTILPAGYGCPPEGPTQQLLNQLGRHGNRPAHIHYFVSADGHRKLTTQ
INVAGDPYTYDDFAYATREGLVVDAVEHTDPEAIKANDVEGPFAEMVFDLKLTRLVDGVDNQVVDRPRLAV
;
_entity_poly.pdbx_strand_id   A,B
#
# COMPACT_ATOMS: atom_id res chain seq x y z
N VAL A 3 -9.25 -10.01 23.97
CA VAL A 3 -10.27 -8.97 23.61
C VAL A 3 -11.12 -9.40 22.43
N LYS A 4 -12.43 -9.31 22.57
CA LYS A 4 -13.35 -9.68 21.50
C LYS A 4 -14.52 -8.72 21.33
N ILE A 5 -14.40 -7.82 20.35
CA ILE A 5 -15.44 -6.85 20.09
C ILE A 5 -15.86 -6.84 18.62
N PHE A 6 -15.14 -7.58 17.78
CA PHE A 6 -15.48 -7.60 16.37
C PHE A 6 -16.93 -7.97 16.07
N ASN A 7 -17.43 -8.95 16.81
CA ASN A 7 -18.79 -9.42 16.58
C ASN A 7 -19.89 -8.61 17.25
N THR A 8 -19.56 -7.52 17.91
CA THR A 8 -20.59 -6.71 18.54
C THR A 8 -21.27 -5.85 17.48
N GLN A 9 -22.40 -5.26 17.84
CA GLN A 9 -23.15 -4.40 16.93
C GLN A 9 -22.43 -3.11 16.56
N ASP A 10 -21.67 -2.56 17.50
CA ASP A 10 -20.97 -1.32 17.24
C ASP A 10 -19.93 -1.50 16.15
N VAL A 11 -19.16 -2.57 16.23
CA VAL A 11 -18.13 -2.83 15.24
C VAL A 11 -18.76 -3.18 13.90
N GLN A 12 -19.81 -4.01 13.93
CA GLN A 12 -20.49 -4.39 12.70
C GLN A 12 -21.14 -3.18 12.03
N ASP A 13 -21.83 -2.34 12.80
CA ASP A 13 -22.45 -1.16 12.23
C ASP A 13 -21.38 -0.20 11.69
N PHE A 14 -20.31 -0.07 12.46
CA PHE A 14 -19.19 0.80 12.11
C PHE A 14 -18.60 0.38 10.76
N LEU A 15 -18.40 -0.91 10.57
CA LEU A 15 -17.88 -1.42 9.31
C LEU A 15 -18.76 -1.02 8.14
N ARG A 16 -20.06 -0.91 8.38
CA ARG A 16 -21.00 -0.55 7.31
C ARG A 16 -20.90 0.94 7.00
N VAL A 17 -20.64 1.73 8.05
CA VAL A 17 -20.51 3.17 7.90
C VAL A 17 -19.22 3.53 7.18
N ALA A 18 -18.11 2.98 7.65
CA ALA A 18 -16.80 3.25 7.06
C ALA A 18 -16.77 2.88 5.58
N SER A 19 -17.50 1.83 5.22
CA SER A 19 -17.55 1.39 3.83
C SER A 19 -18.50 2.25 3.01
N GLY A 20 -19.21 3.15 3.68
CA GLY A 20 -20.14 4.02 3.00
C GLY A 20 -21.36 3.27 2.46
N LEU A 21 -21.67 2.13 3.06
CA LEU A 21 -22.82 1.36 2.61
C LEU A 21 -24.09 2.13 2.93
N GLU A 22 -23.96 3.14 3.78
CA GLU A 22 -25.11 3.95 4.18
C GLU A 22 -25.25 5.17 3.27
N GLN A 23 -24.14 5.61 2.68
CA GLN A 23 -24.17 6.76 1.80
C GLN A 23 -24.95 6.44 0.54
N GLU A 24 -25.49 7.49 -0.07
CA GLU A 24 -26.29 7.32 -1.27
C GLU A 24 -25.44 7.42 -2.52
N GLY A 25 -24.33 8.13 -2.45
CA GLY A 25 -23.46 8.27 -3.60
C GLY A 25 -22.37 7.22 -3.61
N GLY A 26 -21.50 7.28 -4.62
CA GLY A 26 -20.41 6.34 -4.71
C GLY A 26 -20.66 5.17 -5.64
N ASN A 27 -19.66 4.31 -5.75
CA ASN A 27 -19.69 3.13 -6.60
C ASN A 27 -20.03 1.91 -5.75
N PRO A 28 -21.22 1.32 -5.95
CA PRO A 28 -21.62 0.15 -5.16
C PRO A 28 -20.64 -1.03 -5.21
N ARG A 29 -19.96 -1.20 -6.34
CA ARG A 29 -19.01 -2.30 -6.49
C ARG A 29 -17.79 -2.08 -5.59
N VAL A 30 -17.32 -0.83 -5.54
CA VAL A 30 -16.17 -0.53 -4.72
C VAL A 30 -16.54 -0.70 -3.25
N LYS A 31 -17.72 -0.22 -2.85
CA LYS A 31 -18.16 -0.35 -1.46
C LYS A 31 -18.26 -1.81 -1.04
N GLN A 32 -18.71 -2.66 -1.97
CA GLN A 32 -18.87 -4.08 -1.71
C GLN A 32 -17.54 -4.72 -1.33
N ILE A 33 -16.52 -4.41 -2.13
CA ILE A 33 -15.19 -4.92 -1.92
C ILE A 33 -14.58 -4.35 -0.64
N ILE A 34 -14.62 -3.03 -0.48
CA ILE A 34 -14.07 -2.41 0.70
C ILE A 34 -14.67 -3.02 1.96
N HIS A 35 -15.99 -3.08 2.02
CA HIS A 35 -16.65 -3.68 3.18
C HIS A 35 -16.09 -5.06 3.50
N ARG A 36 -15.96 -5.92 2.50
CA ARG A 36 -15.44 -7.25 2.71
C ARG A 36 -14.00 -7.22 3.25
N VAL A 37 -13.16 -6.42 2.62
CA VAL A 37 -11.78 -6.33 3.04
C VAL A 37 -11.61 -5.75 4.45
N LEU A 38 -12.33 -4.68 4.77
CA LEU A 38 -12.22 -4.08 6.12
C LEU A 38 -12.65 -5.09 7.16
N SER A 39 -13.73 -5.81 6.88
CA SER A 39 -14.24 -6.82 7.78
C SER A 39 -13.21 -7.90 8.07
N ASP A 40 -12.67 -8.49 7.01
CA ASP A 40 -11.67 -9.54 7.20
C ASP A 40 -10.50 -9.01 8.00
N LEU A 41 -10.02 -7.81 7.68
CA LEU A 41 -8.89 -7.22 8.40
C LEU A 41 -9.21 -6.92 9.86
N TYR A 42 -10.36 -6.30 10.11
CA TYR A 42 -10.76 -6.01 11.48
C TYR A 42 -10.83 -7.32 12.24
N LYS A 43 -11.24 -8.38 11.56
CA LYS A 43 -11.34 -9.68 12.21
C LYS A 43 -9.95 -10.28 12.39
N ALA A 44 -9.10 -10.18 11.36
CA ALA A 44 -7.75 -10.71 11.45
C ALA A 44 -7.02 -10.05 12.62
N ILE A 45 -7.20 -8.74 12.77
CA ILE A 45 -6.58 -7.98 13.86
C ILE A 45 -7.00 -8.54 15.23
N GLU A 46 -8.24 -9.00 15.32
CA GLU A 46 -8.72 -9.56 16.57
C GLU A 46 -8.21 -10.99 16.77
N ASP A 47 -8.42 -11.86 15.78
CA ASP A 47 -7.99 -13.25 15.89
C ASP A 47 -6.52 -13.39 16.19
N LEU A 48 -5.71 -12.53 15.56
CA LEU A 48 -4.27 -12.61 15.74
C LEU A 48 -3.74 -11.65 16.79
N ASN A 49 -4.66 -10.92 17.43
CA ASN A 49 -4.31 -9.95 18.47
C ASN A 49 -3.14 -9.09 18.01
N ILE A 50 -3.32 -8.41 16.89
CA ILE A 50 -2.30 -7.53 16.34
C ILE A 50 -2.29 -6.25 17.17
N THR A 51 -1.12 -5.90 17.70
CA THR A 51 -0.98 -4.71 18.53
C THR A 51 -0.93 -3.44 17.67
N SER A 52 -1.10 -2.28 18.31
CA SER A 52 -1.03 -1.02 17.58
C SER A 52 0.34 -0.88 16.96
N ASP A 53 1.35 -1.29 17.71
CA ASP A 53 2.72 -1.24 17.22
C ASP A 53 2.88 -2.04 15.94
N GLU A 54 2.33 -3.25 15.91
CA GLU A 54 2.42 -4.06 14.71
C GLU A 54 1.63 -3.40 13.59
N TYR A 55 0.41 -2.97 13.91
CA TYR A 55 -0.43 -2.32 12.92
C TYR A 55 0.28 -1.16 12.21
N TRP A 56 0.80 -0.22 12.98
CA TRP A 56 1.48 0.93 12.38
C TRP A 56 2.75 0.56 11.62
N ALA A 57 3.35 -0.57 11.96
CA ALA A 57 4.53 -1.01 11.25
C ALA A 57 4.03 -1.43 9.87
N GLY A 58 2.83 -1.97 9.82
CA GLY A 58 2.25 -2.40 8.56
C GLY A 58 1.82 -1.20 7.72
N VAL A 59 1.31 -0.17 8.37
CA VAL A 59 0.89 1.02 7.64
C VAL A 59 2.08 1.71 7.03
N ALA A 60 3.19 1.77 7.79
CA ALA A 60 4.43 2.39 7.33
C ALA A 60 4.99 1.59 6.17
N TYR A 61 4.89 0.27 6.25
CA TYR A 61 5.39 -0.60 5.18
C TYR A 61 4.65 -0.29 3.89
N LEU A 62 3.36 -0.06 4.02
CA LEU A 62 2.50 0.25 2.88
C LEU A 62 2.94 1.52 2.17
N ASN A 63 3.33 2.53 2.94
CA ASN A 63 3.81 3.78 2.36
C ASN A 63 5.13 3.57 1.60
N GLN A 64 6.01 2.74 2.16
CA GLN A 64 7.30 2.46 1.55
C GLN A 64 7.12 1.73 0.24
N LEU A 65 6.19 0.79 0.24
CA LEU A 65 5.91 0.00 -0.95
C LEU A 65 5.52 0.90 -2.11
N GLY A 66 4.56 1.80 -1.86
CA GLY A 66 4.11 2.70 -2.91
C GLY A 66 5.16 3.73 -3.28
N ALA A 67 5.82 4.28 -2.28
CA ALA A 67 6.86 5.28 -2.51
C ALA A 67 7.92 4.69 -3.42
N ASN A 68 8.16 3.38 -3.29
CA ASN A 68 9.14 2.70 -4.14
C ASN A 68 8.50 2.04 -5.36
N GLN A 69 7.23 2.34 -5.62
CA GLN A 69 6.49 1.80 -6.76
C GLN A 69 6.68 0.31 -6.92
N GLU A 70 6.74 -0.41 -5.80
CA GLU A 70 6.91 -1.85 -5.82
C GLU A 70 5.68 -2.70 -5.57
N ALA A 71 4.49 -2.12 -5.63
CA ALA A 71 3.28 -2.90 -5.39
C ALA A 71 3.11 -4.02 -6.43
N GLY A 72 3.48 -3.72 -7.68
CA GLY A 72 3.35 -4.69 -8.75
C GLY A 72 4.47 -5.71 -8.75
N LEU A 73 5.43 -5.52 -7.84
CA LEU A 73 6.54 -6.45 -7.71
C LEU A 73 6.24 -7.36 -6.51
N LEU A 74 5.65 -6.77 -5.46
CA LEU A 74 5.30 -7.53 -4.26
C LEU A 74 4.16 -8.48 -4.64
N SER A 75 3.23 -7.98 -5.45
CA SER A 75 2.09 -8.75 -5.90
C SER A 75 2.45 -10.16 -6.38
N PRO A 76 3.29 -10.30 -7.42
CA PRO A 76 3.64 -11.64 -7.88
C PRO A 76 4.41 -12.46 -6.83
N GLY A 77 5.17 -11.78 -5.98
CA GLY A 77 5.95 -12.46 -4.96
C GLY A 77 5.09 -13.09 -3.88
N LEU A 78 3.90 -12.54 -3.66
CA LEU A 78 2.98 -13.09 -2.68
C LEU A 78 2.00 -14.02 -3.38
N GLY A 79 2.30 -14.36 -4.63
CA GLY A 79 1.48 -15.29 -5.39
C GLY A 79 0.17 -14.88 -6.05
N PHE A 80 -0.21 -13.61 -5.99
CA PHE A 80 -1.47 -13.19 -6.60
C PHE A 80 -1.47 -13.38 -8.11
N ASP A 81 -0.42 -12.86 -8.76
CA ASP A 81 -0.28 -12.95 -10.20
C ASP A 81 -0.53 -14.39 -10.68
N HIS A 82 0.10 -15.34 -10.00
CA HIS A 82 -0.07 -16.74 -10.38
C HIS A 82 -1.44 -17.28 -9.98
N TYR A 83 -1.97 -16.78 -8.87
CA TYR A 83 -3.29 -17.19 -8.40
C TYR A 83 -4.36 -16.75 -9.42
N LEU A 84 -4.18 -15.58 -10.03
CA LEU A 84 -5.13 -15.10 -11.03
C LEU A 84 -5.02 -15.97 -12.27
N ASP A 85 -3.81 -16.44 -12.58
CA ASP A 85 -3.62 -17.32 -13.73
C ASP A 85 -4.27 -18.64 -13.45
N MET A 86 -4.11 -19.13 -12.24
CA MET A 86 -4.70 -20.40 -11.88
C MET A 86 -6.21 -20.34 -12.06
N ARG A 87 -6.80 -19.19 -11.73
CA ARG A 87 -8.24 -19.02 -11.86
C ARG A 87 -8.59 -19.01 -13.34
N MET A 88 -7.77 -18.33 -14.14
CA MET A 88 -8.00 -18.28 -15.58
C MET A 88 -7.96 -19.68 -16.18
N ASP A 89 -7.08 -20.53 -15.67
CA ASP A 89 -6.96 -21.90 -16.16
C ASP A 89 -8.17 -22.73 -15.78
N ALA A 90 -8.62 -22.57 -14.54
CA ALA A 90 -9.78 -23.31 -14.06
C ALA A 90 -10.99 -22.99 -14.94
N GLU A 91 -11.13 -21.72 -15.29
CA GLU A 91 -12.23 -21.25 -16.13
C GLU A 91 -12.17 -21.81 -17.54
N ASP A 92 -10.98 -21.88 -18.12
CA ASP A 92 -10.82 -22.43 -19.46
C ASP A 92 -11.10 -23.93 -19.45
N ALA A 93 -10.64 -24.61 -18.40
CA ALA A 93 -10.85 -26.05 -18.28
C ALA A 93 -12.34 -26.35 -18.18
N ALA A 94 -13.08 -25.42 -17.57
CA ALA A 94 -14.52 -25.58 -17.41
C ALA A 94 -15.25 -25.36 -18.74
N LEU A 95 -14.63 -24.61 -19.64
CA LEU A 95 -15.21 -24.34 -20.96
C LEU A 95 -14.63 -25.26 -22.04
N GLY A 96 -13.95 -26.32 -21.61
CA GLY A 96 -13.37 -27.25 -22.56
C GLY A 96 -12.24 -26.69 -23.40
N ILE A 97 -11.62 -25.60 -22.95
CA ILE A 97 -10.53 -25.00 -23.70
C ILE A 97 -9.20 -25.63 -23.32
N GLU A 98 -8.73 -26.52 -24.18
CA GLU A 98 -7.48 -27.24 -24.00
C GLU A 98 -6.31 -26.43 -24.52
N ASN A 99 -6.19 -25.18 -24.05
CA ASN A 99 -5.10 -24.32 -24.49
C ASN A 99 -3.71 -24.95 -24.38
N ALA A 100 -3.15 -25.26 -25.56
CA ALA A 100 -1.86 -25.91 -25.70
C ALA A 100 -0.69 -25.18 -25.05
N THR A 101 -0.46 -23.91 -25.41
CA THR A 101 0.64 -23.16 -24.81
C THR A 101 0.17 -22.52 -23.51
N PRO A 102 0.62 -23.05 -22.37
CA PRO A 102 0.28 -22.58 -21.04
C PRO A 102 0.59 -21.10 -20.84
N ARG A 103 -0.31 -20.40 -20.17
CA ARG A 103 -0.07 -18.99 -19.92
C ARG A 103 0.65 -18.92 -18.59
N THR A 104 1.24 -17.77 -18.29
CA THR A 104 1.89 -17.57 -17.00
C THR A 104 1.88 -16.07 -16.81
N ILE A 105 2.39 -15.59 -15.68
CA ILE A 105 2.31 -14.15 -15.42
C ILE A 105 3.06 -13.22 -16.36
N GLU A 106 2.50 -12.02 -16.49
CA GLU A 106 3.06 -10.98 -17.34
C GLU A 106 4.22 -10.22 -16.67
N GLY A 107 4.15 -10.06 -15.35
CA GLY A 107 5.20 -9.30 -14.69
C GLY A 107 4.88 -7.82 -14.83
N PRO A 108 5.48 -6.94 -14.03
CA PRO A 108 5.21 -5.51 -14.12
C PRO A 108 6.12 -4.71 -15.05
N LEU A 109 6.90 -5.39 -15.88
CA LEU A 109 7.87 -4.70 -16.73
C LEU A 109 7.59 -4.56 -18.22
N TYR A 110 6.32 -4.64 -18.62
CA TYR A 110 5.97 -4.50 -20.03
C TYR A 110 5.95 -3.02 -20.43
N VAL A 111 6.45 -2.71 -21.62
CA VAL A 111 6.44 -1.32 -22.09
C VAL A 111 5.83 -1.29 -23.49
N ALA A 112 4.76 -0.54 -23.66
CA ALA A 112 4.09 -0.48 -24.96
C ALA A 112 4.81 0.47 -25.91
N GLY A 113 4.70 0.20 -27.21
CA GLY A 113 5.32 1.08 -28.18
C GLY A 113 6.60 0.63 -28.85
N ALA A 114 7.06 -0.57 -28.52
CA ALA A 114 8.28 -1.08 -29.12
C ALA A 114 8.18 -1.10 -30.64
N PRO A 115 9.30 -0.93 -31.34
CA PRO A 115 9.23 -0.96 -32.80
C PRO A 115 8.78 -2.33 -33.25
N GLU A 116 8.15 -2.40 -34.42
CA GLU A 116 7.73 -3.69 -34.92
C GLU A 116 8.22 -3.89 -36.34
N SER A 117 8.34 -5.14 -36.74
CA SER A 117 8.80 -5.47 -38.07
C SER A 117 8.26 -6.85 -38.41
N VAL A 118 8.32 -7.20 -39.68
CA VAL A 118 7.81 -8.50 -40.11
C VAL A 118 8.86 -9.61 -40.11
N GLY A 119 8.49 -10.73 -39.48
CA GLY A 119 9.36 -11.89 -39.43
C GLY A 119 10.66 -11.89 -38.64
N TYR A 120 11.45 -10.83 -38.76
CA TYR A 120 12.73 -10.75 -38.09
C TYR A 120 13.07 -9.39 -37.50
N ALA A 121 13.99 -9.38 -36.55
CA ALA A 121 14.43 -8.15 -35.92
C ALA A 121 15.51 -8.44 -34.91
N ARG A 122 16.52 -7.58 -34.85
CA ARG A 122 17.55 -7.74 -33.85
C ARG A 122 17.01 -6.93 -32.68
N MET A 123 16.94 -7.53 -31.50
CA MET A 123 16.38 -6.86 -30.33
C MET A 123 17.29 -5.98 -29.48
N ASP A 124 18.59 -6.31 -29.43
CA ASP A 124 19.51 -5.55 -28.60
C ASP A 124 20.34 -4.55 -29.38
N ASP A 125 20.87 -3.56 -28.67
CA ASP A 125 21.72 -2.54 -29.26
C ASP A 125 23.18 -2.93 -29.06
N GLY A 126 23.40 -4.11 -28.50
CA GLY A 126 24.75 -4.58 -28.27
C GLY A 126 25.55 -3.82 -27.23
N SER A 127 24.86 -3.12 -26.34
CA SER A 127 25.52 -2.34 -25.30
C SER A 127 25.91 -3.20 -24.09
N ASP A 128 25.55 -4.48 -24.11
CA ASP A 128 25.89 -5.35 -22.99
C ASP A 128 27.21 -6.04 -23.32
N PRO A 129 28.28 -5.67 -22.61
CA PRO A 129 29.61 -6.23 -22.81
C PRO A 129 29.66 -7.75 -22.68
N ASN A 130 28.86 -8.27 -21.76
CA ASN A 130 28.83 -9.71 -21.50
C ASN A 130 27.70 -10.44 -22.21
N GLY A 131 26.99 -9.75 -23.09
CA GLY A 131 25.89 -10.38 -23.80
C GLY A 131 26.33 -11.53 -24.69
N HIS A 132 25.63 -12.66 -24.58
CA HIS A 132 25.93 -13.82 -25.38
C HIS A 132 24.83 -13.86 -26.42
N THR A 133 25.20 -13.80 -27.69
CA THR A 133 24.23 -13.80 -28.78
C THR A 133 23.24 -14.95 -28.70
N LEU A 134 21.96 -14.61 -28.89
CA LEU A 134 20.88 -15.60 -28.83
C LEU A 134 19.97 -15.45 -30.05
N ILE A 135 19.76 -16.55 -30.76
CA ILE A 135 18.87 -16.55 -31.90
C ILE A 135 17.63 -17.27 -31.39
N LEU A 136 16.54 -16.53 -31.26
CA LEU A 136 15.30 -17.09 -30.74
C LEU A 136 14.31 -17.11 -31.90
N HIS A 137 13.70 -18.26 -32.15
CA HIS A 137 12.74 -18.35 -33.24
C HIS A 137 11.71 -19.46 -33.07
N GLY A 138 10.63 -19.37 -33.81
CA GLY A 138 9.60 -20.37 -33.70
C GLY A 138 8.47 -20.10 -34.66
N THR A 139 7.39 -20.83 -34.49
CA THR A 139 6.22 -20.69 -35.34
C THR A 139 5.02 -20.44 -34.45
N ILE A 140 4.09 -19.64 -34.95
CA ILE A 140 2.86 -19.34 -34.23
C ILE A 140 1.75 -20.12 -34.92
N PHE A 141 1.05 -20.98 -34.17
CA PHE A 141 -0.04 -21.77 -34.73
C PHE A 141 -1.39 -21.29 -34.24
N ASP A 142 -2.40 -21.32 -35.12
CA ASP A 142 -3.74 -20.91 -34.73
C ASP A 142 -4.42 -22.07 -33.97
N ALA A 143 -5.65 -21.84 -33.52
CA ALA A 143 -6.40 -22.85 -32.78
C ALA A 143 -6.47 -24.23 -33.46
N ASP A 144 -6.29 -24.26 -34.78
CA ASP A 144 -6.35 -25.53 -35.52
C ASP A 144 -5.00 -26.22 -35.73
N GLY A 145 -3.91 -25.60 -35.27
CA GLY A 145 -2.61 -26.21 -35.44
C GLY A 145 -1.97 -25.89 -36.78
N LYS A 146 -2.34 -24.74 -37.34
CA LYS A 146 -1.79 -24.32 -38.62
C LYS A 146 -0.98 -23.04 -38.45
N PRO A 147 0.16 -22.92 -39.17
CA PRO A 147 0.98 -21.73 -39.06
C PRO A 147 0.08 -20.51 -39.25
N LEU A 148 0.35 -19.45 -38.50
CA LEU A 148 -0.49 -18.28 -38.56
C LEU A 148 0.28 -17.02 -38.92
N PRO A 149 0.33 -16.69 -40.21
CA PRO A 149 1.06 -15.46 -40.57
C PRO A 149 0.29 -14.24 -40.01
N ASN A 150 0.97 -13.10 -39.92
CA ASN A 150 0.36 -11.86 -39.42
C ASN A 150 0.10 -11.75 -37.93
N ALA A 151 0.49 -12.75 -37.15
CA ALA A 151 0.29 -12.70 -35.71
C ALA A 151 1.34 -11.75 -35.17
N LYS A 152 1.03 -11.09 -34.06
CA LYS A 152 1.98 -10.15 -33.47
C LYS A 152 2.61 -10.71 -32.21
N VAL A 153 3.91 -11.00 -32.30
CA VAL A 153 4.66 -11.56 -31.19
C VAL A 153 5.42 -10.45 -30.50
N GLU A 154 5.07 -10.19 -29.24
CA GLU A 154 5.76 -9.14 -28.48
C GLU A 154 6.70 -9.80 -27.49
N ILE A 155 7.98 -9.43 -27.54
CA ILE A 155 8.98 -10.00 -26.65
C ILE A 155 9.77 -8.96 -25.89
N TRP A 156 10.03 -9.24 -24.62
CA TRP A 156 10.83 -8.34 -23.81
C TRP A 156 11.55 -9.16 -22.76
N HIS A 157 12.83 -8.84 -22.56
CA HIS A 157 13.64 -9.55 -21.58
C HIS A 157 14.74 -8.63 -21.06
N ALA A 158 15.44 -9.09 -20.02
CA ALA A 158 16.50 -8.31 -19.41
C ALA A 158 17.85 -8.63 -20.03
N ASN A 159 18.88 -7.87 -19.64
CA ASN A 159 20.24 -8.11 -20.14
C ASN A 159 20.95 -9.06 -19.18
N THR A 160 22.27 -9.16 -19.28
CA THR A 160 23.01 -10.08 -18.42
C THR A 160 23.13 -9.60 -16.99
N LYS A 161 22.79 -8.34 -16.74
CA LYS A 161 22.84 -7.78 -15.40
C LYS A 161 21.45 -7.84 -14.78
N GLY A 162 20.50 -8.40 -15.54
CA GLY A 162 19.14 -8.55 -15.06
C GLY A 162 18.26 -7.31 -15.12
N PHE A 163 18.62 -6.36 -15.97
CA PHE A 163 17.84 -5.13 -16.09
C PHE A 163 17.10 -5.02 -17.41
N TYR A 164 15.90 -4.49 -17.36
CA TYR A 164 15.12 -4.29 -18.56
C TYR A 164 15.24 -2.81 -18.91
N SER A 165 15.11 -2.50 -20.19
CA SER A 165 15.15 -1.12 -20.62
C SER A 165 13.94 -0.45 -19.95
N HIS A 166 14.08 0.83 -19.61
CA HIS A 166 13.05 1.63 -18.94
C HIS A 166 12.91 1.36 -17.44
N PHE A 167 13.62 0.35 -16.94
CA PHE A 167 13.60 0.01 -15.53
C PHE A 167 15.01 -0.36 -15.10
N ASP A 168 15.99 0.19 -15.82
CA ASP A 168 17.40 -0.07 -15.53
C ASP A 168 17.80 0.94 -14.48
N PRO A 169 18.11 0.47 -13.26
CA PRO A 169 18.50 1.36 -12.17
C PRO A 169 19.78 2.13 -12.48
N THR A 170 20.62 1.56 -13.33
CA THR A 170 21.88 2.19 -13.70
C THR A 170 21.71 3.17 -14.87
N GLY A 171 20.47 3.33 -15.31
CA GLY A 171 20.14 4.26 -16.39
C GLY A 171 20.58 3.99 -17.82
N GLU A 172 21.63 3.23 -18.06
CA GLU A 172 22.29 2.89 -19.31
C GLU A 172 21.33 2.97 -20.49
N GLN A 173 20.64 1.85 -20.73
CA GLN A 173 19.76 1.55 -21.86
C GLN A 173 19.00 2.54 -22.71
N GLN A 174 19.09 2.23 -24.00
CA GLN A 174 18.47 2.94 -25.10
C GLN A 174 17.00 2.55 -25.06
N ALA A 175 16.13 3.42 -25.57
CA ALA A 175 14.70 3.12 -25.57
C ALA A 175 14.41 1.77 -26.22
N PHE A 176 13.45 1.05 -25.65
CA PHE A 176 13.02 -0.26 -26.12
C PHE A 176 14.11 -1.28 -26.44
N ASN A 177 15.21 -1.23 -25.70
CA ASN A 177 16.28 -2.19 -25.92
C ASN A 177 15.77 -3.54 -25.42
N MET A 178 15.91 -4.57 -26.25
CA MET A 178 15.46 -5.93 -25.90
C MET A 178 13.94 -6.01 -25.78
N ARG A 179 13.27 -5.21 -26.61
CA ARG A 179 11.81 -5.15 -26.66
C ARG A 179 11.43 -4.95 -28.14
N ARG A 180 10.70 -5.89 -28.71
CA ARG A 180 10.29 -5.79 -30.11
C ARG A 180 8.96 -6.47 -30.35
N SER A 181 8.27 -6.04 -31.40
CA SER A 181 7.02 -6.66 -31.80
C SER A 181 7.34 -7.25 -33.16
N ILE A 182 7.10 -8.55 -33.31
CA ILE A 182 7.38 -9.21 -34.58
C ILE A 182 6.08 -9.70 -35.17
N ILE A 183 5.82 -9.33 -36.41
CA ILE A 183 4.61 -9.79 -37.09
C ILE A 183 5.05 -11.05 -37.82
N THR A 184 4.40 -12.17 -37.56
CA THR A 184 4.79 -13.40 -38.21
C THR A 184 4.69 -13.29 -39.74
N ASP A 185 5.55 -14.05 -40.41
CA ASP A 185 5.65 -14.07 -41.87
C ASP A 185 4.73 -15.11 -42.52
N GLU A 186 4.99 -15.37 -43.80
CA GLU A 186 4.22 -16.32 -44.62
C GLU A 186 4.07 -17.72 -44.01
N ASN A 187 5.02 -18.13 -43.17
CA ASN A 187 4.94 -19.43 -42.54
C ASN A 187 4.55 -19.30 -41.08
N GLY A 188 4.08 -18.11 -40.70
CA GLY A 188 3.68 -17.89 -39.33
C GLY A 188 4.87 -18.01 -38.41
N GLN A 189 6.02 -17.53 -38.88
CA GLN A 189 7.25 -17.60 -38.10
C GLN A 189 7.78 -16.24 -37.68
N TYR A 190 8.56 -16.26 -36.62
CA TYR A 190 9.20 -15.06 -36.08
C TYR A 190 10.63 -15.48 -35.79
N ARG A 191 11.55 -14.54 -35.85
CA ARG A 191 12.94 -14.83 -35.58
C ARG A 191 13.56 -13.55 -35.11
N VAL A 192 14.27 -13.62 -34.00
CA VAL A 192 14.93 -12.43 -33.49
C VAL A 192 16.34 -12.75 -33.04
N ARG A 193 17.18 -11.74 -33.06
CA ARG A 193 18.53 -11.90 -32.59
C ARG A 193 18.63 -10.96 -31.39
N THR A 194 18.99 -11.52 -30.25
CA THR A 194 19.11 -10.75 -29.04
C THR A 194 20.21 -11.44 -28.23
N ILE A 195 20.22 -11.26 -26.92
CA ILE A 195 21.23 -11.92 -26.09
C ILE A 195 20.51 -12.70 -24.98
N LEU A 196 21.22 -13.62 -24.34
CA LEU A 196 20.65 -14.38 -23.25
C LEU A 196 20.46 -13.53 -22.02
N PRO A 197 19.24 -13.50 -21.50
CA PRO A 197 18.93 -12.71 -20.32
C PRO A 197 19.43 -13.45 -19.10
N ALA A 198 19.62 -12.71 -18.02
CA ALA A 198 20.05 -13.33 -16.78
C ALA A 198 18.85 -13.18 -15.85
N GLY A 199 18.80 -13.98 -14.80
CA GLY A 199 17.69 -13.84 -13.87
C GLY A 199 17.93 -12.53 -13.17
N TYR A 200 17.15 -12.24 -12.13
CA TYR A 200 17.33 -11.01 -11.37
C TYR A 200 16.50 -11.10 -10.11
N GLY A 201 16.82 -10.25 -9.15
CA GLY A 201 16.09 -10.29 -7.91
C GLY A 201 15.46 -8.95 -7.66
N CYS A 202 14.89 -8.81 -6.47
CA CYS A 202 14.24 -7.58 -6.03
C CYS A 202 15.26 -6.52 -5.68
N PRO A 203 14.87 -5.24 -5.74
CA PRO A 203 15.83 -4.22 -5.37
C PRO A 203 16.27 -4.65 -3.97
N PRO A 204 17.55 -4.99 -3.79
CA PRO A 204 18.10 -5.45 -2.53
C PRO A 204 17.65 -4.75 -1.25
N GLU A 205 17.47 -3.44 -1.31
CA GLU A 205 17.06 -2.70 -0.13
C GLU A 205 15.62 -2.22 -0.16
N GLY A 206 14.86 -2.70 -1.14
CA GLY A 206 13.48 -2.29 -1.29
C GLY A 206 12.53 -3.01 -0.34
N PRO A 207 11.30 -2.51 -0.21
CA PRO A 207 10.27 -3.09 0.67
C PRO A 207 9.91 -4.54 0.32
N THR A 208 9.92 -4.87 -0.97
CA THR A 208 9.59 -6.25 -1.34
C THR A 208 10.60 -7.21 -0.73
N GLN A 209 11.88 -6.89 -0.83
CA GLN A 209 12.91 -7.75 -0.26
C GLN A 209 12.80 -7.75 1.26
N GLN A 210 12.47 -6.61 1.84
CA GLN A 210 12.31 -6.52 3.30
C GLN A 210 11.32 -7.58 3.76
N LEU A 211 10.13 -7.55 3.16
CA LEU A 211 9.10 -8.49 3.53
C LEU A 211 9.57 -9.91 3.28
N LEU A 212 10.11 -10.16 2.10
CA LEU A 212 10.58 -11.50 1.78
C LEU A 212 11.56 -12.06 2.81
N ASN A 213 12.43 -11.23 3.36
CA ASN A 213 13.38 -11.74 4.37
C ASN A 213 12.64 -12.20 5.61
N GLN A 214 11.57 -11.49 5.95
CA GLN A 214 10.78 -11.83 7.12
C GLN A 214 10.09 -13.18 6.95
N LEU A 215 9.84 -13.57 5.70
CA LEU A 215 9.20 -14.85 5.41
C LEU A 215 10.26 -15.93 5.11
N GLY A 216 11.54 -15.56 5.24
CA GLY A 216 12.62 -16.50 5.01
C GLY A 216 12.74 -16.90 3.54
N ARG A 217 12.30 -16.02 2.65
CA ARG A 217 12.31 -16.27 1.21
C ARG A 217 13.25 -15.37 0.42
N HIS A 218 13.59 -15.80 -0.79
CA HIS A 218 14.46 -15.02 -1.67
C HIS A 218 13.57 -14.32 -2.70
N GLY A 219 14.12 -13.32 -3.39
CA GLY A 219 13.32 -12.61 -4.38
C GLY A 219 13.91 -12.74 -5.77
N ASN A 220 14.47 -13.91 -6.06
CA ASN A 220 15.08 -14.16 -7.36
C ASN A 220 14.21 -14.87 -8.35
N ARG A 221 14.34 -14.48 -9.60
CA ARG A 221 13.61 -15.09 -10.70
C ARG A 221 14.62 -15.73 -11.62
N PRO A 222 14.30 -16.89 -12.20
CA PRO A 222 15.21 -17.57 -13.12
C PRO A 222 15.23 -16.77 -14.44
N ALA A 223 16.25 -16.99 -15.26
CA ALA A 223 16.35 -16.28 -16.55
C ALA A 223 15.15 -16.67 -17.41
N HIS A 224 14.50 -15.66 -18.00
CA HIS A 224 13.33 -15.91 -18.82
C HIS A 224 13.08 -14.80 -19.84
N ILE A 225 12.21 -15.11 -20.79
CA ILE A 225 11.86 -14.18 -21.85
C ILE A 225 10.33 -14.05 -21.88
N HIS A 226 9.85 -12.82 -21.84
CA HIS A 226 8.42 -12.53 -21.85
C HIS A 226 7.78 -12.51 -23.26
N TYR A 227 6.56 -13.03 -23.36
CA TYR A 227 5.83 -13.06 -24.61
C TYR A 227 4.39 -12.54 -24.54
N PHE A 228 3.99 -11.92 -25.64
CA PHE A 228 2.62 -11.42 -25.86
C PHE A 228 2.38 -11.88 -27.29
N VAL A 229 1.30 -12.62 -27.52
CA VAL A 229 0.97 -13.06 -28.85
C VAL A 229 -0.52 -12.81 -29.08
N SER A 230 -0.83 -11.96 -30.06
CA SER A 230 -2.20 -11.64 -30.40
C SER A 230 -2.40 -11.79 -31.91
N ALA A 231 -3.62 -12.11 -32.30
CA ALA A 231 -3.97 -12.28 -33.71
C ALA A 231 -5.49 -12.30 -33.81
N ASP A 232 -6.01 -11.99 -34.98
CA ASP A 232 -7.45 -12.00 -35.20
C ASP A 232 -8.05 -13.37 -34.89
N GLY A 233 -9.31 -13.37 -34.45
CA GLY A 233 -9.98 -14.61 -34.13
C GLY A 233 -9.43 -15.39 -32.95
N HIS A 234 -8.38 -14.87 -32.33
CA HIS A 234 -7.80 -15.57 -31.18
C HIS A 234 -7.63 -14.70 -29.96
N ARG A 235 -7.50 -15.34 -28.80
CA ARG A 235 -7.31 -14.63 -27.55
C ARG A 235 -5.83 -14.29 -27.41
N LYS A 236 -5.55 -13.19 -26.72
CA LYS A 236 -4.18 -12.75 -26.51
C LYS A 236 -3.50 -13.72 -25.56
N LEU A 237 -2.30 -14.13 -25.92
CA LEU A 237 -1.55 -15.06 -25.09
C LEU A 237 -0.46 -14.35 -24.30
N THR A 238 -0.45 -14.53 -22.98
CA THR A 238 0.58 -13.95 -22.15
C THR A 238 1.32 -15.16 -21.60
N THR A 239 2.61 -15.25 -21.89
CA THR A 239 3.37 -16.39 -21.42
C THR A 239 4.83 -15.98 -21.38
N GLN A 240 5.71 -16.92 -21.09
CA GLN A 240 7.12 -16.63 -21.07
C GLN A 240 7.84 -17.97 -21.16
N ILE A 241 9.15 -17.93 -21.37
CA ILE A 241 9.91 -19.16 -21.43
C ILE A 241 11.06 -19.05 -20.45
N ASN A 242 11.38 -20.15 -19.79
CA ASN A 242 12.48 -20.18 -18.84
C ASN A 242 13.68 -20.82 -19.50
N VAL A 243 14.85 -20.27 -19.25
CA VAL A 243 16.06 -20.85 -19.80
C VAL A 243 16.44 -22.08 -18.96
N ALA A 244 16.53 -23.23 -19.63
CA ALA A 244 16.86 -24.47 -18.95
C ALA A 244 18.20 -24.39 -18.23
N GLY A 245 18.27 -25.03 -17.06
CA GLY A 245 19.50 -25.05 -16.30
C GLY A 245 19.66 -23.94 -15.29
N ASP A 246 18.76 -22.97 -15.27
CA ASP A 246 18.86 -21.88 -14.32
C ASP A 246 18.63 -22.43 -12.92
N PRO A 247 19.41 -21.97 -11.94
CA PRO A 247 19.28 -22.43 -10.55
C PRO A 247 17.89 -22.18 -9.95
N TYR A 248 17.21 -21.16 -10.46
CA TYR A 248 15.88 -20.85 -9.94
C TYR A 248 14.75 -21.23 -10.84
N THR A 249 15.04 -22.08 -11.84
CA THR A 249 14.02 -22.52 -12.78
C THR A 249 12.78 -22.97 -12.07
N TYR A 250 12.95 -23.80 -11.04
CA TYR A 250 11.78 -24.28 -10.32
C TYR A 250 11.63 -23.68 -8.92
N ASP A 251 12.27 -22.54 -8.69
CA ASP A 251 12.16 -21.88 -7.41
C ASP A 251 12.02 -20.38 -7.64
N ASP A 252 11.22 -20.03 -8.63
CA ASP A 252 10.97 -18.66 -9.00
C ASP A 252 10.16 -17.96 -7.90
N PHE A 253 10.64 -16.82 -7.44
CA PHE A 253 9.95 -16.09 -6.38
C PHE A 253 8.56 -15.61 -6.82
N ALA A 254 8.32 -15.60 -8.13
CA ALA A 254 7.05 -15.17 -8.70
C ALA A 254 6.18 -16.36 -9.09
N TYR A 255 6.71 -17.56 -8.88
CA TYR A 255 5.97 -18.79 -9.19
C TYR A 255 5.38 -18.80 -10.60
N ALA A 256 6.13 -18.29 -11.56
CA ALA A 256 5.65 -18.21 -12.94
C ALA A 256 5.99 -19.44 -13.77
N THR A 257 6.99 -20.20 -13.36
CA THR A 257 7.42 -21.38 -14.11
C THR A 257 6.38 -22.47 -14.30
N ARG A 258 6.38 -23.06 -15.49
CA ARG A 258 5.46 -24.14 -15.84
C ARG A 258 6.08 -25.15 -16.78
N GLU A 259 5.63 -26.40 -16.68
CA GLU A 259 6.14 -27.42 -17.58
C GLU A 259 5.66 -27.04 -18.98
N GLY A 260 6.55 -27.16 -19.96
CA GLY A 260 6.20 -26.79 -21.32
C GLY A 260 6.74 -25.41 -21.66
N LEU A 261 7.21 -24.69 -20.64
CA LEU A 261 7.75 -23.36 -20.82
C LEU A 261 9.25 -23.27 -20.56
N VAL A 262 9.84 -24.36 -20.07
CA VAL A 262 11.28 -24.42 -19.82
C VAL A 262 11.94 -24.87 -21.12
N VAL A 263 12.73 -23.99 -21.73
CA VAL A 263 13.38 -24.28 -23.00
C VAL A 263 14.91 -24.40 -22.92
N ASP A 264 15.47 -25.29 -23.74
CA ASP A 264 16.92 -25.50 -23.77
C ASP A 264 17.64 -24.58 -24.78
N ALA A 265 18.64 -23.86 -24.29
CA ALA A 265 19.42 -22.97 -25.15
C ALA A 265 20.61 -23.77 -25.69
N VAL A 266 20.48 -24.26 -26.91
CA VAL A 266 21.53 -25.03 -27.56
C VAL A 266 22.71 -24.14 -27.95
N GLU A 267 23.91 -24.50 -27.48
CA GLU A 267 25.11 -23.73 -27.80
C GLU A 267 25.74 -24.19 -29.10
N HIS A 268 26.08 -23.22 -29.95
CA HIS A 268 26.71 -23.49 -31.25
C HIS A 268 28.06 -22.78 -31.26
N THR A 269 29.09 -23.47 -31.74
CA THR A 269 30.43 -22.90 -31.81
C THR A 269 31.13 -23.25 -33.12
N ASP A 270 30.60 -24.23 -33.84
CA ASP A 270 31.22 -24.64 -35.08
C ASP A 270 30.98 -23.57 -36.14
N PRO A 271 31.99 -23.32 -36.99
CA PRO A 271 31.98 -22.34 -38.07
C PRO A 271 30.80 -22.38 -39.03
N GLU A 272 30.38 -23.58 -39.45
CA GLU A 272 29.27 -23.68 -40.39
C GLU A 272 28.01 -23.06 -39.80
N ALA A 273 27.72 -23.36 -38.54
CA ALA A 273 26.54 -22.82 -37.88
C ALA A 273 26.64 -21.30 -37.72
N ILE A 274 27.83 -20.84 -37.35
CA ILE A 274 28.09 -19.41 -37.16
C ILE A 274 27.88 -18.59 -38.44
N LYS A 275 28.42 -19.09 -39.54
CA LYS A 275 28.29 -18.39 -40.82
C LYS A 275 26.85 -18.43 -41.31
N ALA A 276 26.23 -19.59 -41.20
CA ALA A 276 24.86 -19.78 -41.65
C ALA A 276 23.92 -18.73 -41.04
N ASN A 277 24.02 -18.53 -39.73
CA ASN A 277 23.18 -17.54 -39.04
C ASN A 277 23.86 -16.18 -39.03
N ASP A 278 24.79 -15.99 -39.96
CA ASP A 278 25.57 -14.76 -40.09
C ASP A 278 25.83 -13.99 -38.80
N VAL A 279 26.12 -14.73 -37.73
CA VAL A 279 26.45 -14.14 -36.45
C VAL A 279 27.97 -13.91 -36.51
N GLU A 280 28.57 -13.34 -35.47
CA GLU A 280 30.01 -13.06 -35.48
C GLU A 280 30.86 -13.97 -34.59
N GLY A 281 30.24 -15.00 -34.02
CA GLY A 281 30.97 -15.92 -33.15
C GLY A 281 30.03 -16.95 -32.57
N PRO A 282 30.47 -17.73 -31.58
CA PRO A 282 29.61 -18.74 -30.98
C PRO A 282 28.32 -18.11 -30.46
N PHE A 283 27.18 -18.77 -30.70
CA PHE A 283 25.90 -18.23 -30.25
C PHE A 283 25.02 -19.33 -29.71
N ALA A 284 23.94 -18.93 -29.03
CA ALA A 284 22.98 -19.88 -28.49
C ALA A 284 21.69 -19.80 -29.30
N GLU A 285 20.98 -20.91 -29.39
CA GLU A 285 19.73 -20.95 -30.14
C GLU A 285 18.58 -21.55 -29.35
N MET A 286 17.44 -20.90 -29.39
CA MET A 286 16.24 -21.38 -28.73
C MET A 286 15.11 -21.38 -29.74
N VAL A 287 14.36 -22.46 -29.76
CA VAL A 287 13.23 -22.60 -30.64
C VAL A 287 12.00 -22.69 -29.75
N PHE A 288 10.98 -21.88 -30.03
CA PHE A 288 9.77 -21.94 -29.21
C PHE A 288 8.55 -21.60 -30.05
N ASP A 289 7.69 -22.60 -30.25
CA ASP A 289 6.47 -22.40 -31.01
C ASP A 289 5.32 -22.11 -30.05
N LEU A 290 4.37 -21.30 -30.50
CA LEU A 290 3.23 -20.99 -29.66
C LEU A 290 1.95 -21.28 -30.42
N LYS A 291 1.00 -21.90 -29.73
CA LYS A 291 -0.29 -22.24 -30.30
C LYS A 291 -1.28 -21.38 -29.53
N LEU A 292 -2.14 -20.67 -30.27
CA LEU A 292 -3.13 -19.77 -29.66
C LEU A 292 -4.50 -20.42 -29.50
N THR A 293 -5.35 -19.79 -28.68
CA THR A 293 -6.70 -20.30 -28.50
C THR A 293 -7.66 -19.37 -29.19
N ARG A 294 -8.81 -19.90 -29.54
CA ARG A 294 -9.84 -19.17 -30.25
C ARG A 294 -10.70 -18.33 -29.30
N LEU A 295 -11.17 -17.18 -29.79
CA LEU A 295 -12.03 -16.31 -29.01
C LEU A 295 -13.22 -17.11 -28.49
N VAL A 296 -13.79 -16.69 -27.37
CA VAL A 296 -14.93 -17.38 -26.78
C VAL A 296 -16.20 -16.60 -27.10
N ASP A 297 -16.98 -17.14 -28.04
CA ASP A 297 -18.19 -16.48 -28.50
C ASP A 297 -17.92 -15.04 -28.89
N GLY A 298 -16.91 -14.86 -29.74
CA GLY A 298 -16.54 -13.55 -30.24
C GLY A 298 -15.80 -12.61 -29.30
N VAL A 299 -15.46 -13.05 -28.10
CA VAL A 299 -14.78 -12.16 -27.18
C VAL A 299 -13.57 -12.78 -26.48
N ASP A 300 -12.59 -11.95 -26.17
CA ASP A 300 -11.39 -12.42 -25.47
C ASP A 300 -11.75 -12.35 -23.99
N ASN A 301 -12.19 -13.46 -23.45
CA ASN A 301 -12.61 -13.51 -22.05
C ASN A 301 -11.49 -13.45 -21.04
N GLN A 302 -10.24 -13.36 -21.48
CA GLN A 302 -9.16 -13.32 -20.52
C GLN A 302 -8.11 -12.25 -20.68
N VAL A 303 -8.32 -11.28 -21.56
CA VAL A 303 -7.36 -10.20 -21.73
C VAL A 303 -7.39 -9.30 -20.51
N VAL A 304 -6.22 -8.92 -20.05
CA VAL A 304 -6.13 -8.06 -18.89
C VAL A 304 -5.74 -6.65 -19.26
N ASP A 305 -6.48 -5.69 -18.71
CA ASP A 305 -6.22 -4.28 -18.91
C ASP A 305 -5.64 -3.80 -17.59
N ARG A 306 -4.34 -3.59 -17.54
CA ARG A 306 -3.70 -3.11 -16.34
C ARG A 306 -2.77 -1.99 -16.76
N PRO A 307 -2.41 -1.09 -15.85
CA PRO A 307 -1.51 0.01 -16.19
C PRO A 307 -0.14 -0.50 -16.64
N ARG A 308 0.25 -0.14 -17.86
CA ARG A 308 1.53 -0.52 -18.44
C ARG A 308 2.19 0.75 -18.92
N LEU A 309 3.51 0.86 -18.73
CA LEU A 309 4.24 2.05 -19.15
C LEU A 309 4.20 2.12 -20.69
N ALA A 310 4.04 3.33 -21.20
CA ALA A 310 4.00 3.54 -22.66
C ALA A 310 5.00 4.64 -23.05
N VAL A 311 5.81 4.36 -24.06
CA VAL A 311 6.82 5.32 -24.51
C VAL A 311 6.63 5.60 -26.00
N VAL B 3 -16.64 -21.52 -11.10
CA VAL B 3 -15.16 -21.62 -10.90
C VAL B 3 -14.70 -21.26 -9.48
N LYS B 4 -14.27 -22.28 -8.74
CA LYS B 4 -13.82 -22.11 -7.37
C LYS B 4 -12.61 -22.98 -7.11
N ILE B 5 -11.49 -22.37 -6.75
CA ILE B 5 -10.29 -23.16 -6.49
C ILE B 5 -9.63 -22.88 -5.14
N PHE B 6 -10.15 -21.90 -4.42
CA PHE B 6 -9.57 -21.54 -3.15
C PHE B 6 -9.39 -22.69 -2.16
N ASN B 7 -10.46 -23.46 -1.90
CA ASN B 7 -10.31 -24.55 -0.94
C ASN B 7 -9.76 -25.87 -1.43
N THR B 8 -9.13 -25.88 -2.59
CA THR B 8 -8.51 -27.10 -3.10
C THR B 8 -7.11 -27.19 -2.46
N GLN B 9 -6.51 -28.37 -2.51
CA GLN B 9 -5.18 -28.57 -1.92
C GLN B 9 -4.13 -27.66 -2.52
N ASP B 10 -4.06 -27.66 -3.85
CA ASP B 10 -3.09 -26.87 -4.59
C ASP B 10 -2.98 -25.44 -4.11
N VAL B 11 -4.12 -24.77 -3.96
CA VAL B 11 -4.10 -23.39 -3.51
C VAL B 11 -3.77 -23.26 -2.03
N GLN B 12 -4.27 -24.19 -1.22
CA GLN B 12 -3.97 -24.15 0.20
C GLN B 12 -2.48 -24.40 0.44
N ASP B 13 -1.87 -25.32 -0.31
CA ASP B 13 -0.45 -25.58 -0.15
C ASP B 13 0.34 -24.38 -0.68
N PHE B 14 -0.23 -23.74 -1.69
CA PHE B 14 0.41 -22.58 -2.30
C PHE B 14 0.48 -21.44 -1.27
N LEU B 15 -0.58 -21.21 -0.52
CA LEU B 15 -0.56 -20.15 0.49
C LEU B 15 0.51 -20.39 1.56
N ARG B 16 0.73 -21.65 1.92
CA ARG B 16 1.73 -21.96 2.94
C ARG B 16 3.13 -21.70 2.41
N VAL B 17 3.33 -21.96 1.12
CA VAL B 17 4.63 -21.75 0.48
C VAL B 17 4.95 -20.27 0.33
N ALA B 18 3.98 -19.52 -0.15
CA ALA B 18 4.14 -18.08 -0.35
C ALA B 18 4.38 -17.35 0.98
N SER B 19 3.84 -17.90 2.06
CA SER B 19 3.97 -17.32 3.39
C SER B 19 5.25 -17.71 4.13
N GLY B 20 6.03 -18.61 3.54
CA GLY B 20 7.28 -19.05 4.15
C GLY B 20 7.11 -19.93 5.38
N LEU B 21 5.92 -20.51 5.52
CA LEU B 21 5.63 -21.37 6.65
C LEU B 21 6.57 -22.56 6.84
N GLU B 22 6.88 -23.29 5.78
CA GLU B 22 7.80 -24.43 5.92
C GLU B 22 9.25 -23.98 5.75
N GLN B 23 9.43 -22.67 5.58
CA GLN B 23 10.75 -22.08 5.43
C GLN B 23 11.34 -22.01 6.82
N GLU B 24 12.63 -22.27 6.95
CA GLU B 24 13.28 -22.29 8.26
C GLU B 24 13.61 -20.91 8.83
N GLY B 25 14.07 -20.00 7.98
CA GLY B 25 14.42 -18.67 8.46
C GLY B 25 13.20 -17.76 8.50
N GLY B 26 13.40 -16.54 8.97
CA GLY B 26 12.31 -15.59 9.03
C GLY B 26 11.67 -15.37 10.40
N ASN B 27 10.67 -14.50 10.40
CA ASN B 27 9.92 -14.16 11.61
C ASN B 27 8.55 -14.82 11.55
N PRO B 28 8.33 -15.88 12.35
CA PRO B 28 7.05 -16.60 12.37
C PRO B 28 5.82 -15.77 12.70
N ARG B 29 6.00 -14.66 13.41
CA ARG B 29 4.88 -13.79 13.73
C ARG B 29 4.37 -13.15 12.44
N VAL B 30 5.32 -12.69 11.61
CA VAL B 30 4.98 -12.07 10.33
C VAL B 30 4.39 -13.09 9.37
N LYS B 31 4.96 -14.29 9.35
CA LYS B 31 4.45 -15.36 8.48
C LYS B 31 3.00 -15.65 8.84
N GLN B 32 2.76 -15.76 10.13
CA GLN B 32 1.43 -16.01 10.66
C GLN B 32 0.41 -14.98 10.18
N ILE B 33 0.76 -13.71 10.30
CA ILE B 33 -0.11 -12.62 9.87
C ILE B 33 -0.24 -12.60 8.35
N ILE B 34 0.88 -12.76 7.65
CA ILE B 34 0.86 -12.78 6.19
C ILE B 34 0.01 -13.94 5.72
N HIS B 35 0.19 -15.11 6.33
CA HIS B 35 -0.59 -16.25 5.91
C HIS B 35 -2.08 -15.98 6.06
N ARG B 36 -2.46 -15.35 7.17
CA ARG B 36 -3.87 -15.04 7.40
C ARG B 36 -4.39 -14.02 6.39
N VAL B 37 -3.65 -12.93 6.23
CA VAL B 37 -4.04 -11.90 5.29
C VAL B 37 -4.14 -12.44 3.85
N LEU B 38 -3.13 -13.18 3.39
CA LEU B 38 -3.18 -13.72 2.04
C LEU B 38 -4.38 -14.63 1.86
N SER B 39 -4.59 -15.53 2.81
CA SER B 39 -5.72 -16.44 2.73
C SER B 39 -7.00 -15.66 2.53
N ASP B 40 -7.22 -14.67 3.39
CA ASP B 40 -8.45 -13.86 3.29
C ASP B 40 -8.56 -13.12 1.97
N LEU B 41 -7.46 -12.56 1.47
CA LEU B 41 -7.49 -11.85 0.20
C LEU B 41 -7.71 -12.81 -0.97
N TYR B 42 -7.04 -13.97 -0.98
CA TYR B 42 -7.29 -14.92 -2.07
C TYR B 42 -8.74 -15.31 -2.07
N LYS B 43 -9.29 -15.55 -0.88
CA LYS B 43 -10.70 -15.93 -0.76
C LYS B 43 -11.66 -14.79 -1.15
N ALA B 44 -11.37 -13.57 -0.71
CA ALA B 44 -12.22 -12.44 -1.04
C ALA B 44 -12.27 -12.26 -2.56
N ILE B 45 -11.12 -12.47 -3.22
CA ILE B 45 -11.05 -12.34 -4.67
C ILE B 45 -12.00 -13.31 -5.34
N GLU B 46 -12.05 -14.52 -4.81
CA GLU B 46 -12.93 -15.54 -5.35
C GLU B 46 -14.39 -15.31 -5.00
N ASP B 47 -14.68 -15.00 -3.73
CA ASP B 47 -16.06 -14.77 -3.30
C ASP B 47 -16.75 -13.61 -4.00
N LEU B 48 -16.04 -12.49 -4.15
CA LEU B 48 -16.60 -11.32 -4.81
C LEU B 48 -16.31 -11.31 -6.30
N ASN B 49 -15.74 -12.41 -6.79
CA ASN B 49 -15.35 -12.59 -8.18
C ASN B 49 -14.64 -11.37 -8.74
N ILE B 50 -13.57 -10.96 -8.07
CA ILE B 50 -12.78 -9.80 -8.49
C ILE B 50 -12.00 -10.20 -9.74
N THR B 51 -12.03 -9.34 -10.75
CA THR B 51 -11.33 -9.62 -12.00
C THR B 51 -9.91 -9.08 -11.96
N SER B 52 -9.07 -9.54 -12.88
CA SER B 52 -7.70 -9.08 -12.95
C SER B 52 -7.73 -7.57 -13.18
N ASP B 53 -8.65 -7.13 -14.04
CA ASP B 53 -8.79 -5.71 -14.31
C ASP B 53 -9.02 -4.97 -13.01
N GLU B 54 -9.91 -5.48 -12.18
CA GLU B 54 -10.17 -4.83 -10.90
C GLU B 54 -8.98 -4.95 -9.98
N TYR B 55 -8.41 -6.16 -9.92
CA TYR B 55 -7.24 -6.38 -9.07
C TYR B 55 -6.11 -5.38 -9.35
N TRP B 56 -5.69 -5.28 -10.61
CA TRP B 56 -4.60 -4.37 -10.97
C TRP B 56 -4.85 -2.89 -10.72
N ALA B 57 -6.12 -2.51 -10.63
CA ALA B 57 -6.47 -1.13 -10.35
C ALA B 57 -6.20 -0.96 -8.86
N GLY B 58 -6.46 -2.02 -8.10
CA GLY B 58 -6.22 -2.00 -6.67
C GLY B 58 -4.72 -1.87 -6.38
N VAL B 59 -3.91 -2.58 -7.16
CA VAL B 59 -2.45 -2.54 -7.00
C VAL B 59 -1.93 -1.15 -7.38
N ALA B 60 -2.54 -0.55 -8.40
CA ALA B 60 -2.15 0.78 -8.85
C ALA B 60 -2.48 1.79 -7.75
N TYR B 61 -3.62 1.60 -7.10
CA TYR B 61 -4.02 2.49 -6.02
C TYR B 61 -3.05 2.41 -4.85
N LEU B 62 -2.56 1.21 -4.56
CA LEU B 62 -1.61 1.04 -3.47
C LEU B 62 -0.31 1.80 -3.72
N ASN B 63 0.16 1.78 -4.97
CA ASN B 63 1.39 2.50 -5.28
C ASN B 63 1.19 3.98 -5.04
N GLN B 64 0.12 4.55 -5.58
CA GLN B 64 -0.09 5.97 -5.40
C GLN B 64 -0.43 6.33 -3.96
N LEU B 65 -0.97 5.38 -3.22
CA LEU B 65 -1.30 5.63 -1.82
C LEU B 65 0.01 5.90 -1.09
N GLY B 66 1.00 5.03 -1.35
CA GLY B 66 2.30 5.16 -0.72
C GLY B 66 3.14 6.28 -1.30
N ALA B 67 3.04 6.45 -2.63
CA ALA B 67 3.78 7.50 -3.32
C ALA B 67 3.40 8.84 -2.68
N ASN B 68 2.12 8.98 -2.34
CA ASN B 68 1.64 10.21 -1.72
C ASN B 68 1.76 10.19 -0.21
N GLN B 69 2.38 9.16 0.34
CA GLN B 69 2.55 9.07 1.78
C GLN B 69 1.22 9.26 2.52
N GLU B 70 0.15 8.66 1.98
CA GLU B 70 -1.17 8.78 2.58
C GLU B 70 -1.74 7.55 3.27
N ALA B 71 -0.91 6.56 3.54
CA ALA B 71 -1.42 5.37 4.20
C ALA B 71 -1.93 5.73 5.61
N GLY B 72 -1.20 6.61 6.29
CA GLY B 72 -1.58 7.03 7.62
C GLY B 72 -2.79 7.95 7.65
N LEU B 73 -3.26 8.37 6.48
CA LEU B 73 -4.43 9.25 6.39
C LEU B 73 -5.66 8.42 6.05
N LEU B 74 -5.48 7.40 5.20
CA LEU B 74 -6.56 6.51 4.79
C LEU B 74 -6.94 5.65 5.99
N SER B 75 -5.92 5.15 6.67
CA SER B 75 -6.11 4.29 7.84
C SER B 75 -7.21 4.84 8.74
N PRO B 76 -7.04 6.06 9.27
CA PRO B 76 -8.09 6.59 10.14
C PRO B 76 -9.43 6.77 9.40
N GLY B 77 -9.37 7.09 8.11
CA GLY B 77 -10.58 7.27 7.34
C GLY B 77 -11.36 5.97 7.15
N LEU B 78 -10.68 4.84 7.23
CA LEU B 78 -11.33 3.55 7.10
C LEU B 78 -11.62 2.97 8.48
N GLY B 79 -11.54 3.81 9.50
CA GLY B 79 -11.84 3.38 10.86
C GLY B 79 -10.83 2.55 11.64
N PHE B 80 -9.67 2.24 11.06
CA PHE B 80 -8.70 1.46 11.81
C PHE B 80 -8.21 2.12 13.09
N ASP B 81 -7.85 3.40 13.01
CA ASP B 81 -7.37 4.11 14.18
C ASP B 81 -8.37 4.03 15.35
N HIS B 82 -9.63 4.32 15.08
CA HIS B 82 -10.67 4.25 16.11
C HIS B 82 -10.90 2.83 16.62
N TYR B 83 -10.90 1.87 15.70
CA TYR B 83 -11.10 0.46 16.04
C TYR B 83 -10.03 0.02 17.04
N LEU B 84 -8.80 0.49 16.84
CA LEU B 84 -7.71 0.15 17.73
C LEU B 84 -7.91 0.80 19.08
N ASP B 85 -8.52 2.00 19.09
CA ASP B 85 -8.81 2.68 20.35
C ASP B 85 -9.86 1.89 21.11
N MET B 86 -10.82 1.35 20.37
CA MET B 86 -11.87 0.56 20.99
C MET B 86 -11.28 -0.68 21.63
N ARG B 87 -10.34 -1.32 20.95
CA ARG B 87 -9.71 -2.50 21.51
C ARG B 87 -8.97 -2.11 22.80
N MET B 88 -8.34 -0.94 22.81
CA MET B 88 -7.64 -0.46 24.00
C MET B 88 -8.62 -0.21 25.15
N ASP B 89 -9.75 0.42 24.86
CA ASP B 89 -10.74 0.68 25.90
C ASP B 89 -11.21 -0.63 26.50
N ALA B 90 -11.54 -1.58 25.62
CA ALA B 90 -12.00 -2.89 26.03
C ALA B 90 -10.99 -3.56 26.96
N GLU B 91 -9.71 -3.50 26.60
CA GLU B 91 -8.66 -4.10 27.40
C GLU B 91 -8.53 -3.39 28.76
N ASP B 92 -8.65 -2.07 28.76
CA ASP B 92 -8.57 -1.31 30.01
C ASP B 92 -9.74 -1.71 30.89
N ALA B 93 -10.90 -1.91 30.28
CA ALA B 93 -12.09 -2.31 31.02
C ALA B 93 -11.85 -3.67 31.68
N ALA B 94 -11.32 -4.61 30.91
CA ALA B 94 -11.04 -5.94 31.42
C ALA B 94 -10.07 -5.87 32.60
N LEU B 95 -9.29 -4.79 32.67
CA LEU B 95 -8.33 -4.62 33.74
C LEU B 95 -8.88 -3.76 34.87
N GLY B 96 -10.14 -3.34 34.73
CA GLY B 96 -10.76 -2.52 35.76
C GLY B 96 -10.28 -1.08 35.80
N ILE B 97 -9.61 -0.63 34.75
CA ILE B 97 -9.11 0.74 34.68
C ILE B 97 -10.19 1.68 34.15
N GLU B 98 -10.61 2.61 34.99
CA GLU B 98 -11.63 3.60 34.63
C GLU B 98 -10.96 4.81 33.99
N ASN B 99 -11.10 4.96 32.67
CA ASN B 99 -10.49 6.07 31.97
C ASN B 99 -11.30 7.36 32.11
N ALA B 100 -10.85 8.23 33.02
CA ALA B 100 -11.54 9.50 33.26
C ALA B 100 -11.62 10.31 31.96
N THR B 101 -10.47 10.61 31.38
CA THR B 101 -10.43 11.35 30.12
C THR B 101 -10.31 10.30 29.01
N PRO B 102 -11.36 10.16 28.19
CA PRO B 102 -11.34 9.17 27.11
C PRO B 102 -10.21 9.42 26.10
N ARG B 103 -9.64 8.32 25.61
CA ARG B 103 -8.58 8.42 24.63
C ARG B 103 -9.27 8.53 23.28
N THR B 104 -8.51 8.91 22.27
CA THR B 104 -9.05 8.97 20.93
C THR B 104 -7.83 8.98 20.01
N ILE B 105 -8.04 8.95 18.70
CA ILE B 105 -6.92 8.84 17.77
C ILE B 105 -5.91 9.98 17.75
N GLU B 106 -4.65 9.58 17.55
CA GLU B 106 -3.52 10.49 17.49
C GLU B 106 -3.46 11.23 16.17
N GLY B 107 -3.72 10.52 15.08
CA GLY B 107 -3.65 11.14 13.78
C GLY B 107 -2.22 10.98 13.31
N PRO B 108 -1.97 11.15 12.01
CA PRO B 108 -0.63 11.02 11.44
C PRO B 108 0.23 12.29 11.46
N LEU B 109 -0.29 13.38 12.04
CA LEU B 109 0.46 14.62 12.01
C LEU B 109 1.23 15.08 13.24
N TYR B 110 1.59 14.18 14.13
CA TYR B 110 2.37 14.59 15.29
C TYR B 110 3.82 14.76 14.86
N VAL B 111 4.51 15.72 15.46
CA VAL B 111 5.92 15.97 15.16
C VAL B 111 6.67 16.13 16.49
N ALA B 112 7.74 15.38 16.65
CA ALA B 112 8.53 15.42 17.87
C ALA B 112 9.60 16.51 17.83
N GLY B 113 9.93 17.07 18.99
CA GLY B 113 10.96 18.11 19.04
C GLY B 113 10.48 19.53 19.26
N ALA B 114 9.20 19.68 19.59
CA ALA B 114 8.63 21.01 19.81
C ALA B 114 9.24 21.73 21.00
N PRO B 115 9.24 23.07 20.94
CA PRO B 115 9.79 23.89 22.02
C PRO B 115 9.09 23.52 23.33
N GLU B 116 9.83 23.60 24.43
CA GLU B 116 9.30 23.22 25.73
C GLU B 116 9.36 24.40 26.71
N SER B 117 8.34 24.52 27.56
CA SER B 117 8.33 25.59 28.55
C SER B 117 7.49 25.15 29.74
N VAL B 118 7.64 25.85 30.86
CA VAL B 118 6.88 25.52 32.07
C VAL B 118 5.63 26.38 32.17
N GLY B 119 4.54 25.76 32.64
CA GLY B 119 3.28 26.45 32.85
C GLY B 119 2.60 27.20 31.72
N TYR B 120 3.35 27.99 30.96
CA TYR B 120 2.75 28.78 29.89
C TYR B 120 3.50 28.66 28.58
N ALA B 121 2.82 29.03 27.50
CA ALA B 121 3.42 29.00 26.18
C ALA B 121 2.50 29.64 25.16
N ARG B 122 3.08 30.40 24.25
CA ARG B 122 2.29 30.99 23.18
C ARG B 122 2.66 30.07 22.03
N MET B 123 1.65 29.48 21.40
CA MET B 123 1.88 28.53 20.32
C MET B 123 2.03 29.04 18.91
N ASP B 124 1.44 30.20 18.61
CA ASP B 124 1.53 30.73 17.26
C ASP B 124 2.53 31.86 17.18
N ASP B 125 2.85 32.28 15.95
CA ASP B 125 3.80 33.35 15.75
C ASP B 125 3.15 34.56 15.10
N GLY B 126 1.83 34.52 14.97
CA GLY B 126 1.09 35.62 14.37
C GLY B 126 1.02 35.65 12.85
N SER B 127 1.68 34.70 12.20
CA SER B 127 1.71 34.65 10.74
C SER B 127 0.38 34.32 10.09
N ASP B 128 -0.66 34.10 10.90
CA ASP B 128 -1.99 33.80 10.35
C ASP B 128 -2.83 35.06 10.52
N PRO B 129 -3.25 35.68 9.40
CA PRO B 129 -4.06 36.90 9.37
C PRO B 129 -5.40 36.75 10.07
N ASN B 130 -6.20 35.83 9.54
CA ASN B 130 -7.53 35.54 10.04
C ASN B 130 -7.51 34.90 11.43
N GLY B 131 -6.31 34.75 11.99
CA GLY B 131 -6.18 34.12 13.30
C GLY B 131 -6.97 34.77 14.43
N HIS B 132 -7.77 33.98 15.12
CA HIS B 132 -8.58 34.47 16.24
C HIS B 132 -7.95 33.94 17.54
N THR B 133 -7.60 34.84 18.43
CA THR B 133 -6.96 34.50 19.70
C THR B 133 -7.73 33.49 20.56
N LEU B 134 -7.06 32.42 20.93
CA LEU B 134 -7.65 31.38 21.77
C LEU B 134 -6.77 31.14 22.98
N ILE B 135 -7.37 31.27 24.17
CA ILE B 135 -6.65 31.00 25.41
C ILE B 135 -7.13 29.64 25.90
N LEU B 136 -6.29 28.63 25.73
CA LEU B 136 -6.61 27.27 26.16
C LEU B 136 -5.78 26.97 27.39
N HIS B 137 -6.44 26.56 28.47
CA HIS B 137 -5.75 26.25 29.71
C HIS B 137 -6.52 25.15 30.43
N GLY B 138 -5.90 24.55 31.44
CA GLY B 138 -6.56 23.50 32.18
C GLY B 138 -5.70 22.92 33.28
N THR B 139 -6.18 21.87 33.91
CA THR B 139 -5.46 21.22 35.00
C THR B 139 -5.26 19.74 34.71
N ILE B 140 -4.07 19.24 35.04
CA ILE B 140 -3.75 17.84 34.84
C ILE B 140 -3.83 17.16 36.20
N PHE B 141 -4.65 16.12 36.31
CA PHE B 141 -4.80 15.40 37.57
C PHE B 141 -4.16 14.02 37.51
N ASP B 142 -3.44 13.65 38.57
CA ASP B 142 -2.83 12.33 38.60
C ASP B 142 -3.95 11.32 38.81
N ALA B 143 -3.59 10.04 38.89
CA ALA B 143 -4.59 8.98 39.05
C ALA B 143 -5.45 9.11 40.31
N ASP B 144 -5.07 9.98 41.24
CA ASP B 144 -5.84 10.18 42.47
C ASP B 144 -6.60 11.49 42.51
N GLY B 145 -6.87 12.07 41.35
CA GLY B 145 -7.62 13.30 41.30
C GLY B 145 -6.94 14.56 41.80
N LYS B 146 -5.69 14.44 42.24
CA LYS B 146 -4.94 15.59 42.74
C LYS B 146 -4.14 16.24 41.59
N PRO B 147 -4.04 17.58 41.58
CA PRO B 147 -3.30 18.28 40.53
C PRO B 147 -1.88 17.75 40.42
N LEU B 148 -1.41 17.54 39.19
CA LEU B 148 -0.10 16.97 38.97
C LEU B 148 0.92 17.90 38.30
N PRO B 149 1.85 18.43 39.11
CA PRO B 149 2.90 19.33 38.60
C PRO B 149 3.92 18.53 37.78
N ASN B 150 4.65 19.24 36.92
CA ASN B 150 5.67 18.62 36.08
C ASN B 150 5.15 17.55 35.13
N ALA B 151 3.89 17.67 34.74
CA ALA B 151 3.32 16.73 33.78
C ALA B 151 3.64 17.37 32.43
N LYS B 152 3.87 16.55 31.41
CA LYS B 152 4.22 17.08 30.09
C LYS B 152 3.05 17.04 29.12
N VAL B 153 2.47 18.20 28.88
CA VAL B 153 1.34 18.32 27.99
C VAL B 153 1.83 18.73 26.63
N GLU B 154 1.50 17.93 25.62
CA GLU B 154 1.91 18.26 24.26
C GLU B 154 0.65 18.60 23.48
N ILE B 155 0.70 19.73 22.76
CA ILE B 155 -0.44 20.19 21.98
C ILE B 155 -0.02 20.56 20.57
N TRP B 156 -0.87 20.23 19.60
CA TRP B 156 -0.61 20.58 18.21
C TRP B 156 -1.93 20.66 17.46
N HIS B 157 -2.02 21.62 16.54
CA HIS B 157 -3.22 21.83 15.77
C HIS B 157 -2.93 22.66 14.53
N ALA B 158 -3.92 22.77 13.66
CA ALA B 158 -3.80 23.52 12.40
C ALA B 158 -4.17 25.00 12.56
N ASN B 159 -3.87 25.79 11.53
CA ASN B 159 -4.20 27.20 11.55
C ASN B 159 -5.60 27.39 10.98
N THR B 160 -5.95 28.62 10.62
CA THR B 160 -7.28 28.90 10.08
C THR B 160 -7.48 28.37 8.67
N LYS B 161 -6.38 27.95 8.04
CA LYS B 161 -6.46 27.38 6.70
C LYS B 161 -6.51 25.86 6.85
N GLY B 162 -6.54 25.39 8.08
CA GLY B 162 -6.58 23.96 8.34
C GLY B 162 -5.29 23.25 7.95
N PHE B 163 -4.17 23.95 8.08
CA PHE B 163 -2.87 23.39 7.74
C PHE B 163 -2.01 23.28 8.98
N TYR B 164 -1.25 22.19 9.10
CA TYR B 164 -0.35 22.00 10.23
C TYR B 164 1.06 22.34 9.82
N SER B 165 1.86 22.84 10.76
CA SER B 165 3.26 23.14 10.46
C SER B 165 3.90 21.79 10.15
N HIS B 166 4.84 21.79 9.21
CA HIS B 166 5.55 20.61 8.75
C HIS B 166 4.73 19.86 7.72
N PHE B 167 3.46 20.22 7.58
CA PHE B 167 2.58 19.57 6.61
C PHE B 167 1.78 20.64 5.88
N ASP B 168 2.34 21.84 5.83
CA ASP B 168 1.70 22.98 5.18
C ASP B 168 2.17 23.07 3.72
N PRO B 169 1.26 22.83 2.76
CA PRO B 169 1.58 22.88 1.33
C PRO B 169 2.12 24.25 0.89
N THR B 170 1.54 25.31 1.43
CA THR B 170 1.97 26.66 1.09
C THR B 170 3.35 26.94 1.68
N GLY B 171 3.78 26.05 2.58
CA GLY B 171 5.08 26.17 3.21
C GLY B 171 5.44 27.51 3.85
N GLU B 172 4.46 28.25 4.39
CA GLU B 172 4.78 29.56 4.96
C GLU B 172 4.83 29.50 6.48
N GLN B 173 4.86 28.33 7.09
CA GLN B 173 4.93 28.22 8.53
C GLN B 173 6.31 27.81 8.98
N GLN B 174 6.78 28.44 10.06
CA GLN B 174 8.09 28.12 10.60
C GLN B 174 7.92 26.85 11.42
N ALA B 175 9.01 26.12 11.56
CA ALA B 175 8.99 24.87 12.31
C ALA B 175 8.28 24.98 13.67
N PHE B 176 7.54 23.92 13.99
CA PHE B 176 6.80 23.82 15.23
C PHE B 176 5.76 24.88 15.52
N ASN B 177 5.34 25.62 14.49
CA ASN B 177 4.31 26.65 14.68
C ASN B 177 3.08 25.91 15.18
N MET B 178 2.46 26.44 16.24
CA MET B 178 1.27 25.85 16.85
C MET B 178 1.49 24.42 17.35
N ARG B 179 2.71 24.17 17.81
CA ARG B 179 3.12 22.88 18.37
C ARG B 179 3.98 23.24 19.57
N ARG B 180 3.60 22.78 20.76
CA ARG B 180 4.38 23.09 21.96
C ARG B 180 4.25 22.02 23.01
N SER B 181 5.23 21.96 23.90
CA SER B 181 5.20 21.05 25.04
C SER B 181 5.15 21.99 26.23
N ILE B 182 4.24 21.73 27.16
CA ILE B 182 4.11 22.56 28.34
C ILE B 182 4.22 21.68 29.58
N ILE B 183 5.11 22.05 30.49
CA ILE B 183 5.26 21.30 31.72
C ILE B 183 4.33 22.00 32.70
N THR B 184 3.48 21.25 33.36
CA THR B 184 2.55 21.85 34.31
C THR B 184 3.27 22.49 35.49
N ASP B 185 2.69 23.60 35.96
CA ASP B 185 3.23 24.37 37.07
C ASP B 185 2.94 23.76 38.43
N GLU B 186 3.32 24.49 39.49
CA GLU B 186 3.16 24.04 40.87
C GLU B 186 1.74 23.62 41.19
N ASN B 187 0.78 24.16 40.44
CA ASN B 187 -0.62 23.86 40.63
C ASN B 187 -1.12 22.88 39.59
N GLY B 188 -0.19 22.20 38.91
CA GLY B 188 -0.55 21.24 37.89
C GLY B 188 -1.35 21.81 36.74
N GLN B 189 -1.09 23.07 36.40
CA GLN B 189 -1.81 23.73 35.32
C GLN B 189 -0.95 23.97 34.10
N TYR B 190 -1.61 24.12 32.96
CA TYR B 190 -0.95 24.40 31.70
C TYR B 190 -1.81 25.50 31.09
N ARG B 191 -1.18 26.41 30.37
CA ARG B 191 -1.92 27.50 29.76
C ARG B 191 -1.18 27.94 28.51
N VAL B 192 -1.92 28.08 27.42
CA VAL B 192 -1.30 28.49 26.17
C VAL B 192 -2.11 29.55 25.45
N ARG B 193 -1.42 30.37 24.68
CA ARG B 193 -2.09 31.36 23.88
C ARG B 193 -1.89 30.86 22.48
N THR B 194 -2.95 30.79 21.70
CA THR B 194 -2.84 30.31 20.35
C THR B 194 -4.03 30.86 19.57
N ILE B 195 -4.44 30.17 18.51
CA ILE B 195 -5.59 30.64 17.75
C ILE B 195 -6.54 29.46 17.49
N LEU B 196 -7.81 29.77 17.24
CA LEU B 196 -8.79 28.73 16.98
C LEU B 196 -8.46 28.02 15.70
N PRO B 197 -8.22 26.71 15.78
CA PRO B 197 -7.91 25.95 14.57
C PRO B 197 -9.13 25.84 13.67
N ALA B 198 -8.88 25.55 12.40
CA ALA B 198 -9.95 25.37 11.44
C ALA B 198 -9.95 23.88 11.12
N GLY B 199 -11.11 23.34 10.76
CA GLY B 199 -11.18 21.94 10.41
C GLY B 199 -10.45 21.81 9.09
N TYR B 200 -10.22 20.59 8.63
CA TYR B 200 -9.53 20.40 7.36
C TYR B 200 -9.92 19.10 6.71
N GLY B 201 -9.61 18.98 5.43
CA GLY B 201 -9.96 17.78 4.71
C GLY B 201 -8.73 17.12 4.13
N CYS B 202 -8.98 16.10 3.31
CA CYS B 202 -7.93 15.34 2.65
C CYS B 202 -7.38 16.12 1.48
N PRO B 203 -6.14 15.85 1.08
CA PRO B 203 -5.62 16.58 -0.07
C PRO B 203 -6.65 16.22 -1.14
N PRO B 204 -7.30 17.22 -1.74
CA PRO B 204 -8.33 16.99 -2.76
C PRO B 204 -7.93 16.06 -3.91
N GLU B 205 -6.69 16.15 -4.35
CA GLU B 205 -6.22 15.33 -5.46
C GLU B 205 -5.66 13.97 -5.02
N GLY B 206 -5.44 13.82 -3.72
CA GLY B 206 -4.88 12.58 -3.21
C GLY B 206 -5.70 11.31 -3.29
N PRO B 207 -5.04 10.14 -3.17
CA PRO B 207 -5.67 8.82 -3.22
C PRO B 207 -6.72 8.58 -2.13
N THR B 208 -6.52 9.16 -0.95
CA THR B 208 -7.47 8.98 0.14
C THR B 208 -8.81 9.59 -0.28
N GLN B 209 -8.75 10.83 -0.76
CA GLN B 209 -9.93 11.54 -1.20
C GLN B 209 -10.63 10.78 -2.32
N GLN B 210 -9.88 10.31 -3.32
CA GLN B 210 -10.55 9.61 -4.41
C GLN B 210 -11.22 8.30 -3.99
N LEU B 211 -10.62 7.57 -3.06
CA LEU B 211 -11.23 6.33 -2.59
C LEU B 211 -12.50 6.74 -1.83
N LEU B 212 -12.42 7.79 -1.03
CA LEU B 212 -13.59 8.26 -0.29
C LEU B 212 -14.74 8.61 -1.23
N ASN B 213 -14.42 9.20 -2.39
CA ASN B 213 -15.45 9.56 -3.37
C ASN B 213 -16.21 8.32 -3.83
N GLN B 214 -15.47 7.23 -4.04
CA GLN B 214 -16.05 5.97 -4.49
C GLN B 214 -16.91 5.33 -3.42
N LEU B 215 -16.81 5.82 -2.19
CA LEU B 215 -17.61 5.30 -1.09
C LEU B 215 -18.70 6.30 -0.75
N GLY B 216 -18.75 7.39 -1.52
CA GLY B 216 -19.75 8.42 -1.31
C GLY B 216 -19.55 9.14 0.01
N ARG B 217 -18.31 9.17 0.49
CA ARG B 217 -17.98 9.83 1.75
C ARG B 217 -17.10 11.05 1.56
N HIS B 218 -17.09 11.92 2.57
CA HIS B 218 -16.27 13.12 2.55
C HIS B 218 -15.03 12.82 3.39
N GLY B 219 -14.06 13.74 3.37
CA GLY B 219 -12.84 13.54 4.14
C GLY B 219 -12.53 14.74 5.02
N ASN B 220 -13.55 15.31 5.64
CA ASN B 220 -13.32 16.47 6.49
C ASN B 220 -13.34 16.10 7.96
N ARG B 221 -12.66 16.92 8.75
CA ARG B 221 -12.62 16.72 10.19
C ARG B 221 -13.02 18.05 10.79
N PRO B 222 -13.68 18.03 11.97
CA PRO B 222 -14.09 19.26 12.63
C PRO B 222 -12.83 19.86 13.27
N ALA B 223 -12.87 21.15 13.60
CA ALA B 223 -11.72 21.80 14.21
C ALA B 223 -11.42 21.07 15.51
N HIS B 224 -10.16 20.78 15.74
CA HIS B 224 -9.80 20.07 16.96
C HIS B 224 -8.38 20.40 17.38
N ILE B 225 -8.03 19.96 18.58
CA ILE B 225 -6.73 20.20 19.15
C ILE B 225 -6.24 18.87 19.69
N HIS B 226 -5.01 18.52 19.34
CA HIS B 226 -4.42 17.26 19.78
C HIS B 226 -3.67 17.35 21.10
N TYR B 227 -3.73 16.28 21.87
CA TYR B 227 -3.05 16.21 23.16
C TYR B 227 -2.27 14.93 23.39
N PHE B 228 -1.09 15.09 23.99
CA PHE B 228 -0.23 14.00 24.42
C PHE B 228 0.04 14.45 25.86
N VAL B 229 -0.29 13.63 26.85
CA VAL B 229 -0.01 14.02 28.21
C VAL B 229 0.68 12.85 28.89
N SER B 230 1.87 13.10 29.42
CA SER B 230 2.59 12.05 30.09
C SER B 230 3.19 12.55 31.41
N ALA B 231 3.41 11.62 32.34
CA ALA B 231 3.95 11.92 33.65
C ALA B 231 4.45 10.64 34.31
N ASP B 232 5.44 10.77 35.20
CA ASP B 232 5.99 9.63 35.92
C ASP B 232 4.89 8.90 36.67
N GLY B 233 4.96 7.58 36.65
CA GLY B 233 3.95 6.79 37.34
C GLY B 233 2.63 6.70 36.61
N HIS B 234 2.50 7.41 35.49
CA HIS B 234 1.27 7.37 34.73
C HIS B 234 1.43 6.94 33.28
N ARG B 235 0.34 6.46 32.69
CA ARG B 235 0.35 6.03 31.30
C ARG B 235 0.19 7.25 30.41
N LYS B 236 0.77 7.20 29.22
CA LYS B 236 0.67 8.30 28.29
C LYS B 236 -0.73 8.37 27.71
N LEU B 237 -1.34 9.55 27.83
CA LEU B 237 -2.69 9.77 27.33
C LEU B 237 -2.67 10.42 25.95
N THR B 238 -3.43 9.85 25.01
CA THR B 238 -3.53 10.39 23.67
C THR B 238 -5.00 10.78 23.51
N THR B 239 -5.26 12.03 23.20
CA THR B 239 -6.65 12.44 23.03
C THR B 239 -6.69 13.73 22.23
N GLN B 240 -7.86 14.35 22.19
CA GLN B 240 -8.02 15.61 21.47
C GLN B 240 -9.33 16.20 21.88
N ILE B 241 -9.46 17.51 21.79
CA ILE B 241 -10.73 18.13 22.11
C ILE B 241 -11.29 18.71 20.84
N ASN B 242 -12.60 18.60 20.70
CA ASN B 242 -13.33 19.11 19.55
C ASN B 242 -13.89 20.48 19.87
N VAL B 243 -13.82 21.39 18.92
CA VAL B 243 -14.36 22.71 19.13
C VAL B 243 -15.86 22.60 18.90
N ALA B 244 -16.63 22.83 19.95
CA ALA B 244 -18.10 22.75 19.91
C ALA B 244 -18.72 23.62 18.82
N GLY B 245 -19.74 23.09 18.16
CA GLY B 245 -20.42 23.85 17.13
C GLY B 245 -19.91 23.65 15.72
N ASP B 246 -18.80 22.93 15.57
CA ASP B 246 -18.27 22.69 14.23
C ASP B 246 -19.24 21.79 13.49
N PRO B 247 -19.49 22.06 12.21
CA PRO B 247 -20.42 21.24 11.42
C PRO B 247 -20.09 19.75 11.41
N TYR B 248 -18.80 19.42 11.39
CA TYR B 248 -18.42 18.02 11.34
C TYR B 248 -18.12 17.38 12.68
N THR B 249 -18.47 18.04 13.77
CA THR B 249 -18.23 17.51 15.11
C THR B 249 -18.64 16.05 15.23
N TYR B 250 -19.86 15.71 14.78
CA TYR B 250 -20.29 14.32 14.85
C TYR B 250 -20.35 13.68 13.48
N ASP B 251 -19.46 14.14 12.60
CA ASP B 251 -19.40 13.62 11.25
C ASP B 251 -17.97 13.72 10.72
N ASP B 252 -17.04 13.39 11.60
CA ASP B 252 -15.60 13.40 11.32
C ASP B 252 -15.25 12.16 10.49
N PHE B 253 -14.44 12.34 9.43
CA PHE B 253 -14.10 11.22 8.57
C PHE B 253 -13.15 10.21 9.24
N ALA B 254 -12.63 10.59 10.40
CA ALA B 254 -11.72 9.73 11.16
C ALA B 254 -12.41 9.16 12.39
N TYR B 255 -13.72 9.44 12.51
CA TYR B 255 -14.52 8.96 13.63
C TYR B 255 -13.81 9.08 14.97
N ALA B 256 -13.18 10.22 15.23
CA ALA B 256 -12.43 10.41 16.47
C ALA B 256 -13.22 11.15 17.55
N THR B 257 -14.34 11.73 17.18
CA THR B 257 -15.15 12.46 18.14
C THR B 257 -15.62 11.52 19.24
N ARG B 258 -15.64 12.03 20.46
CA ARG B 258 -16.00 11.22 21.61
C ARG B 258 -16.71 12.10 22.65
N GLU B 259 -17.60 11.49 23.43
CA GLU B 259 -18.31 12.26 24.45
C GLU B 259 -17.35 12.64 25.56
N GLY B 260 -17.33 13.92 25.91
CA GLY B 260 -16.44 14.37 26.96
C GLY B 260 -15.24 15.09 26.37
N LEU B 261 -15.11 15.03 25.05
CA LEU B 261 -14.00 15.70 24.38
C LEU B 261 -14.47 16.92 23.59
N VAL B 262 -15.78 17.14 23.52
CA VAL B 262 -16.30 18.29 22.80
C VAL B 262 -16.29 19.48 23.76
N VAL B 263 -15.56 20.54 23.40
CA VAL B 263 -15.44 21.71 24.28
C VAL B 263 -15.94 23.01 23.69
N ASP B 264 -16.55 23.83 24.54
CA ASP B 264 -17.08 25.12 24.12
C ASP B 264 -16.07 26.26 24.17
N ALA B 265 -15.94 26.95 23.05
CA ALA B 265 -15.05 28.08 22.98
C ALA B 265 -15.89 29.28 23.42
N VAL B 266 -15.60 29.79 24.62
CA VAL B 266 -16.31 30.96 25.16
C VAL B 266 -15.74 32.24 24.57
N GLU B 267 -16.60 33.08 24.03
CA GLU B 267 -16.17 34.34 23.44
C GLU B 267 -16.17 35.45 24.47
N HIS B 268 -15.00 36.03 24.72
CA HIS B 268 -14.85 37.12 25.67
C HIS B 268 -14.67 38.44 24.92
N THR B 269 -15.51 39.41 25.24
CA THR B 269 -15.43 40.70 24.58
C THR B 269 -15.30 41.87 25.57
N ASP B 270 -15.53 41.59 26.85
CA ASP B 270 -15.42 42.62 27.88
C ASP B 270 -13.97 43.07 28.02
N PRO B 271 -13.74 44.39 28.04
CA PRO B 271 -12.41 44.98 28.17
C PRO B 271 -11.67 44.49 29.42
N GLU B 272 -12.43 44.20 30.48
CA GLU B 272 -11.83 43.72 31.72
C GLU B 272 -11.23 42.33 31.58
N ALA B 273 -11.86 41.49 30.77
CA ALA B 273 -11.37 40.14 30.55
C ALA B 273 -10.18 40.17 29.58
N ILE B 274 -10.29 41.04 28.58
CA ILE B 274 -9.23 41.16 27.59
C ILE B 274 -7.92 41.62 28.23
N LYS B 275 -8.04 42.41 29.31
CA LYS B 275 -6.86 42.92 30.02
C LYS B 275 -6.29 41.88 30.98
N ALA B 276 -7.17 41.28 31.76
CA ALA B 276 -6.76 40.26 32.72
C ALA B 276 -6.03 39.12 32.01
N ASN B 277 -6.37 38.89 30.74
CA ASN B 277 -5.75 37.81 30.00
C ASN B 277 -4.64 38.25 29.06
N ASP B 278 -4.18 39.49 29.20
CA ASP B 278 -3.10 40.01 28.37
C ASP B 278 -3.29 39.82 26.87
N VAL B 279 -4.48 40.13 26.37
CA VAL B 279 -4.73 39.98 24.95
C VAL B 279 -4.95 41.37 24.34
N GLU B 280 -4.76 41.47 23.03
CA GLU B 280 -4.92 42.74 22.32
C GLU B 280 -6.35 43.01 21.92
N GLY B 281 -7.28 42.16 22.36
CA GLY B 281 -8.67 42.36 22.00
C GLY B 281 -9.55 41.15 22.25
N PRO B 282 -10.71 41.08 21.57
CA PRO B 282 -11.63 39.95 21.75
C PRO B 282 -10.93 38.63 21.47
N PHE B 283 -11.16 37.67 22.35
CA PHE B 283 -10.53 36.38 22.23
C PHE B 283 -11.50 35.30 22.67
N ALA B 284 -11.15 34.06 22.37
CA ALA B 284 -11.95 32.92 22.74
C ALA B 284 -11.20 32.19 23.83
N GLU B 285 -11.92 31.50 24.71
CA GLU B 285 -11.28 30.77 25.78
C GLU B 285 -11.85 29.35 25.87
N MET B 286 -10.96 28.39 26.10
CA MET B 286 -11.35 26.98 26.23
C MET B 286 -10.63 26.40 27.42
N VAL B 287 -11.38 25.71 28.28
CA VAL B 287 -10.84 25.08 29.48
C VAL B 287 -10.99 23.58 29.33
N PHE B 288 -9.90 22.84 29.53
CA PHE B 288 -9.97 21.39 29.42
C PHE B 288 -9.00 20.72 30.36
N ASP B 289 -9.56 20.02 31.35
CA ASP B 289 -8.74 19.31 32.32
C ASP B 289 -8.66 17.87 31.87
N LEU B 290 -7.53 17.23 32.15
CA LEU B 290 -7.34 15.84 31.78
C LEU B 290 -6.89 15.03 32.98
N LYS B 291 -7.44 13.84 33.14
CA LYS B 291 -7.09 12.96 34.25
C LYS B 291 -6.33 11.74 33.72
N LEU B 292 -5.13 11.53 34.26
CA LEU B 292 -4.28 10.43 33.84
C LEU B 292 -4.57 9.16 34.63
N THR B 293 -4.16 8.04 34.06
CA THR B 293 -4.31 6.74 34.70
C THR B 293 -2.92 6.26 35.07
N ARG B 294 -2.81 5.50 36.14
CA ARG B 294 -1.54 5.02 36.61
C ARG B 294 -1.04 3.82 35.82
N LEU B 295 0.27 3.62 35.81
CA LEU B 295 0.88 2.50 35.13
C LEU B 295 0.32 1.22 35.74
N VAL B 296 0.40 0.13 35.01
CA VAL B 296 -0.10 -1.16 35.49
C VAL B 296 1.12 -1.97 35.90
N ASP B 297 1.42 -1.99 37.19
CA ASP B 297 2.58 -2.72 37.72
C ASP B 297 3.88 -2.19 37.11
N GLY B 298 3.97 -0.88 36.96
CA GLY B 298 5.18 -0.29 36.39
C GLY B 298 5.19 -0.27 34.88
N VAL B 299 4.11 -0.75 34.28
CA VAL B 299 4.04 -0.79 32.82
C VAL B 299 2.92 0.06 32.22
N ASP B 300 3.22 0.67 31.08
CA ASP B 300 2.24 1.47 30.35
C ASP B 300 1.82 0.49 29.26
N ASN B 301 0.72 -0.22 29.49
CA ASN B 301 0.23 -1.23 28.54
C ASN B 301 -0.45 -0.71 27.28
N GLN B 302 -0.52 0.59 27.09
CA GLN B 302 -1.21 1.09 25.90
C GLN B 302 -0.46 2.14 25.10
N VAL B 303 0.76 2.47 25.52
CA VAL B 303 1.53 3.46 24.77
C VAL B 303 1.87 2.87 23.41
N VAL B 304 1.72 3.66 22.36
CA VAL B 304 1.97 3.18 21.02
C VAL B 304 3.27 3.69 20.41
N ASP B 305 4.05 2.76 19.88
CA ASP B 305 5.32 3.08 19.22
C ASP B 305 5.00 3.04 17.73
N ARG B 306 4.97 4.21 17.10
CA ARG B 306 4.71 4.27 15.67
C ARG B 306 5.62 5.33 15.04
N PRO B 307 5.89 5.21 13.74
CA PRO B 307 6.74 6.19 13.06
C PRO B 307 6.16 7.59 13.21
N ARG B 308 6.95 8.50 13.77
CA ARG B 308 6.52 9.89 13.96
C ARG B 308 7.64 10.83 13.50
N LEU B 309 7.28 11.82 12.69
CA LEU B 309 8.25 12.79 12.19
C LEU B 309 8.91 13.47 13.38
N ALA B 310 10.24 13.50 13.38
CA ALA B 310 11.00 14.14 14.46
C ALA B 310 11.99 15.14 13.87
N VAL B 311 11.89 16.39 14.29
CA VAL B 311 12.76 17.42 13.79
C VAL B 311 13.43 18.14 14.96
#